data_1NND
#
_entry.id   1NND
#
_cell.length_a   38.795
_cell.length_b   116.652
_cell.length_c   61.652
_cell.angle_alpha   90.00
_cell.angle_beta   90.00
_cell.angle_gamma   90.00
#
_symmetry.space_group_name_H-M   'P 21 21 2'
#
loop_
_entity.id
_entity.type
_entity.pdbx_description
1 polymer 'Reverse Transcriptase'
2 water water
#
_entity_poly.entity_id   1
_entity_poly.type   'polypeptide(L)'
_entity_poly.pdbx_seq_one_letter_code
;TWLSDFPQAWAETGGMGLAVRQAPLIIPLKATSTPVSIKQYPMSQEARLGIKPHIQRLLDQGILVPCQSPWNTPLLPVKK
PGTNDYRPVQDLAEVNKRVEDIHPTVPNPYNLLSGLPPSHQWYTVLDLKDAFFCLRLHPTSQPLFAFEWRDPEMGISGQL
TWTRLPQGFKNSPTLFDEALHRDLADFRIQHPDLILLQYVDDLLLAATSELDCQQGTRALLQTLGNLGYRASAKKAQICQ
KQVKYLGYLLKEGQR
;
_entity_poly.pdbx_strand_id   A
#
# COMPACT_ATOMS: atom_id res chain seq x y z
N THR A 1 -1.58 13.67 21.59
CA THR A 1 -2.62 14.61 21.08
C THR A 1 -3.43 13.98 19.95
N TRP A 2 -2.88 14.00 18.74
CA TRP A 2 -3.56 13.42 17.58
C TRP A 2 -3.36 11.91 17.47
N LEU A 3 -2.35 11.39 18.17
CA LEU A 3 -2.08 9.96 18.13
C LEU A 3 -2.95 9.24 19.17
N SER A 4 -2.90 9.72 20.40
CA SER A 4 -3.65 9.13 21.49
C SER A 4 -5.13 9.04 21.20
N ASP A 5 -5.68 10.02 20.47
CA ASP A 5 -7.10 10.00 20.17
C ASP A 5 -7.50 9.03 19.07
N PHE A 6 -6.58 8.72 18.16
CA PHE A 6 -6.89 7.81 17.06
C PHE A 6 -5.80 6.75 16.86
N PRO A 7 -5.62 5.86 17.84
CA PRO A 7 -4.61 4.80 17.78
C PRO A 7 -4.74 3.84 16.60
N GLN A 8 -5.96 3.64 16.12
CA GLN A 8 -6.19 2.73 14.98
C GLN A 8 -5.92 3.37 13.63
N ALA A 9 -5.70 4.68 13.60
CA ALA A 9 -5.44 5.39 12.35
C ALA A 9 -3.95 5.56 12.07
N TRP A 10 -3.12 5.19 13.03
CA TRP A 10 -1.69 5.34 12.83
C TRP A 10 -0.97 4.01 12.72
N ALA A 11 0.02 3.95 11.84
CA ALA A 11 0.78 2.72 11.65
C ALA A 11 1.54 2.40 12.93
N GLU A 12 2.19 3.42 13.49
CA GLU A 12 2.98 3.26 14.70
C GLU A 12 2.21 2.75 15.92
N THR A 13 0.90 2.97 15.95
CA THR A 13 0.08 2.56 17.09
C THR A 13 -1.00 1.51 16.79
N GLY A 14 -1.32 1.31 15.52
CA GLY A 14 -2.34 0.34 15.17
C GLY A 14 -1.77 -0.90 14.50
N GLY A 15 -0.49 -0.84 14.14
CA GLY A 15 0.15 -1.95 13.48
C GLY A 15 -0.23 -2.02 12.01
N MET A 16 -0.01 -3.19 11.41
CA MET A 16 -0.35 -3.40 10.00
C MET A 16 -1.86 -3.22 9.83
N GLY A 17 -2.27 -2.61 8.72
CA GLY A 17 -3.68 -2.42 8.51
C GLY A 17 -4.27 -3.52 7.65
N LEU A 18 -5.58 -3.43 7.43
CA LEU A 18 -6.32 -4.37 6.60
C LEU A 18 -7.65 -3.70 6.33
N ALA A 19 -7.91 -3.43 5.04
CA ALA A 19 -9.15 -2.78 4.63
C ALA A 19 -10.29 -3.73 4.90
N VAL A 20 -10.98 -3.50 6.02
CA VAL A 20 -12.08 -4.37 6.42
C VAL A 20 -13.30 -4.41 5.50
N ARG A 21 -13.43 -3.43 4.60
CA ARG A 21 -14.58 -3.42 3.69
C ARG A 21 -14.26 -3.94 2.28
N GLN A 22 -12.99 -4.25 2.02
CA GLN A 22 -12.56 -4.73 0.70
C GLN A 22 -12.52 -6.25 0.58
N ALA A 23 -13.34 -6.78 -0.31
CA ALA A 23 -13.38 -8.22 -0.51
C ALA A 23 -12.05 -8.65 -1.14
N PRO A 24 -11.63 -9.90 -0.92
CA PRO A 24 -10.38 -10.39 -1.48
C PRO A 24 -10.39 -10.18 -2.99
N LEU A 25 -9.30 -9.67 -3.55
CA LEU A 25 -9.24 -9.42 -4.98
C LEU A 25 -8.86 -10.60 -5.86
N ILE A 26 -9.56 -10.76 -6.97
CA ILE A 26 -9.26 -11.80 -7.94
C ILE A 26 -8.57 -11.08 -9.11
N ILE A 27 -7.48 -11.67 -9.60
CA ILE A 27 -6.70 -11.07 -10.68
C ILE A 27 -6.92 -11.70 -12.05
N PRO A 28 -7.65 -11.00 -12.93
CA PRO A 28 -7.89 -11.56 -14.27
C PRO A 28 -6.61 -11.60 -15.10
N LEU A 29 -6.48 -12.66 -15.89
CA LEU A 29 -5.33 -12.87 -16.78
C LEU A 29 -5.72 -12.53 -18.21
N LYS A 30 -4.72 -12.35 -19.08
CA LYS A 30 -5.00 -12.10 -20.49
C LYS A 30 -5.44 -13.46 -21.04
N ALA A 31 -6.38 -13.47 -21.97
CA ALA A 31 -6.94 -14.69 -22.55
C ALA A 31 -5.99 -15.85 -22.86
N THR A 32 -4.81 -15.54 -23.42
CA THR A 32 -3.85 -16.58 -23.77
C THR A 32 -2.75 -16.81 -22.75
N SER A 33 -2.80 -16.08 -21.63
CA SER A 33 -1.77 -16.23 -20.61
C SER A 33 -1.67 -17.64 -20.03
N THR A 34 -0.43 -18.08 -19.84
CA THR A 34 -0.13 -19.39 -19.28
C THR A 34 0.89 -19.18 -18.16
N PRO A 35 0.91 -20.09 -17.16
CA PRO A 35 1.86 -19.96 -16.05
C PRO A 35 3.32 -19.91 -16.44
N VAL A 36 4.08 -19.09 -15.71
CA VAL A 36 5.51 -18.94 -15.91
C VAL A 36 6.25 -19.22 -14.62
N SER A 37 7.30 -20.04 -14.72
CA SER A 37 8.08 -20.39 -13.56
C SER A 37 9.57 -20.06 -13.78
N ILE A 38 10.00 -18.91 -13.27
CA ILE A 38 11.40 -18.50 -13.38
C ILE A 38 12.03 -18.90 -12.05
N LYS A 39 12.99 -19.82 -12.07
CA LYS A 39 13.60 -20.24 -10.82
C LYS A 39 14.41 -19.15 -10.15
N GLN A 40 14.43 -19.22 -8.82
CA GLN A 40 15.15 -18.25 -7.99
C GLN A 40 16.64 -18.22 -8.31
N TYR A 41 17.20 -17.02 -8.46
CA TYR A 41 18.62 -16.90 -8.74
C TYR A 41 19.38 -17.22 -7.45
N PRO A 42 20.61 -17.78 -7.58
CA PRO A 42 21.38 -18.09 -6.37
C PRO A 42 21.56 -16.81 -5.55
N MET A 43 21.84 -16.96 -4.26
CA MET A 43 21.96 -15.79 -3.41
C MET A 43 23.12 -15.86 -2.42
N SER A 44 23.85 -14.75 -2.25
CA SER A 44 24.96 -14.73 -1.31
C SER A 44 24.41 -14.97 0.09
N GLN A 45 25.16 -15.69 0.91
CA GLN A 45 24.74 -15.99 2.27
C GLN A 45 24.39 -14.71 3.04
N GLU A 46 25.15 -13.65 2.81
CA GLU A 46 24.89 -12.38 3.49
C GLU A 46 23.52 -11.86 3.08
N ALA A 47 23.21 -11.99 1.80
CA ALA A 47 21.94 -11.53 1.25
C ALA A 47 20.75 -12.27 1.85
N ARG A 48 20.80 -13.60 1.80
CA ARG A 48 19.72 -14.43 2.33
C ARG A 48 19.40 -14.13 3.79
N LEU A 49 20.44 -14.09 4.63
CA LEU A 49 20.25 -13.81 6.04
C LEU A 49 19.86 -12.36 6.21
N GLY A 50 20.20 -11.55 5.21
CA GLY A 50 19.87 -10.15 5.26
C GLY A 50 18.38 -9.90 5.10
N ILE A 51 17.70 -10.70 4.27
CA ILE A 51 16.27 -10.51 4.05
C ILE A 51 15.41 -11.43 4.89
N LYS A 52 16.03 -12.44 5.50
CA LYS A 52 15.29 -13.38 6.34
C LYS A 52 14.38 -12.62 7.31
N PRO A 53 14.91 -11.60 7.99
CA PRO A 53 14.08 -10.83 8.95
C PRO A 53 12.82 -10.26 8.31
N HIS A 54 12.94 -9.74 7.09
CA HIS A 54 11.76 -9.17 6.44
C HIS A 54 10.76 -10.25 6.01
N ILE A 55 11.27 -11.37 5.55
CA ILE A 55 10.41 -12.48 5.13
C ILE A 55 9.69 -13.03 6.37
N GLN A 56 10.42 -13.17 7.46
CA GLN A 56 9.86 -13.70 8.69
C GLN A 56 8.77 -12.79 9.25
N ARG A 57 8.99 -11.49 9.19
CA ARG A 57 8.01 -10.52 9.68
C ARG A 57 6.72 -10.70 8.87
N LEU A 58 6.87 -10.67 7.55
CA LEU A 58 5.75 -10.85 6.63
C LEU A 58 4.96 -12.13 6.93
N LEU A 59 5.67 -13.21 7.27
CA LEU A 59 5.04 -14.48 7.60
C LEU A 59 4.30 -14.40 8.93
N ASP A 60 4.83 -13.62 9.87
CA ASP A 60 4.18 -13.49 11.18
C ASP A 60 2.88 -12.71 11.04
N GLN A 61 2.85 -11.79 10.08
CA GLN A 61 1.68 -10.96 9.85
C GLN A 61 0.67 -11.69 8.97
N GLY A 62 1.02 -12.91 8.56
CA GLY A 62 0.13 -13.69 7.71
C GLY A 62 0.03 -13.15 6.30
N ILE A 63 0.90 -12.19 5.97
CA ILE A 63 0.91 -11.60 4.64
C ILE A 63 1.55 -12.54 3.63
N LEU A 64 2.43 -13.42 4.09
CA LEU A 64 3.06 -14.42 3.26
C LEU A 64 2.67 -15.79 3.81
N VAL A 65 2.38 -16.74 2.93
CA VAL A 65 2.02 -18.07 3.37
C VAL A 65 2.69 -19.08 2.45
N PRO A 66 2.91 -20.30 2.94
CA PRO A 66 3.54 -21.31 2.08
C PRO A 66 2.55 -21.72 1.01
N CYS A 67 3.07 -22.13 -0.14
CA CYS A 67 2.21 -22.58 -1.21
C CYS A 67 3.01 -23.40 -2.19
N GLN A 68 2.33 -23.82 -3.24
CA GLN A 68 2.95 -24.61 -4.30
C GLN A 68 2.19 -24.22 -5.54
N SER A 69 2.85 -23.53 -6.48
CA SER A 69 2.17 -23.16 -7.71
C SER A 69 3.08 -23.21 -8.92
N PRO A 70 2.49 -23.42 -10.11
CA PRO A 70 3.21 -23.51 -11.38
C PRO A 70 3.78 -22.15 -11.78
N TRP A 71 3.48 -21.12 -10.96
CA TRP A 71 4.00 -19.78 -11.20
C TRP A 71 5.16 -19.60 -10.23
N ASN A 72 6.14 -18.79 -10.61
CA ASN A 72 7.28 -18.51 -9.74
C ASN A 72 8.12 -17.40 -10.36
N THR A 73 8.49 -16.44 -9.53
CA THR A 73 9.31 -15.34 -10.01
C THR A 73 10.48 -15.15 -9.06
N PRO A 74 11.60 -14.60 -9.57
CA PRO A 74 12.80 -14.38 -8.77
C PRO A 74 12.72 -13.30 -7.70
N LEU A 75 13.29 -13.62 -6.54
CA LEU A 75 13.34 -12.71 -5.41
C LEU A 75 14.75 -12.11 -5.43
N LEU A 76 14.85 -10.78 -5.41
CA LEU A 76 16.16 -10.15 -5.43
C LEU A 76 16.48 -9.36 -4.17
N PRO A 77 17.58 -9.71 -3.51
CA PRO A 77 17.96 -8.99 -2.29
C PRO A 77 18.59 -7.66 -2.73
N VAL A 78 17.93 -6.56 -2.39
CA VAL A 78 18.43 -5.24 -2.76
C VAL A 78 19.14 -4.53 -1.62
N LYS A 79 20.47 -4.52 -1.70
CA LYS A 79 21.33 -3.91 -0.70
C LYS A 79 21.05 -2.41 -0.53
N LYS A 80 20.55 -2.03 0.64
CA LYS A 80 20.27 -0.63 0.92
C LYS A 80 21.61 0.09 0.97
N PRO A 81 21.73 1.25 0.29
CA PRO A 81 22.98 2.02 0.29
C PRO A 81 23.49 2.44 1.66
N GLY A 82 24.81 2.36 1.83
CA GLY A 82 25.42 2.76 3.09
C GLY A 82 25.31 1.75 4.22
N THR A 83 24.13 1.18 4.39
CA THR A 83 23.89 0.21 5.46
C THR A 83 23.97 -1.23 4.94
N ASN A 84 24.08 -2.18 5.86
CA ASN A 84 24.15 -3.59 5.52
C ASN A 84 22.75 -4.19 5.60
N ASP A 85 21.76 -3.41 5.18
CA ASP A 85 20.37 -3.82 5.19
C ASP A 85 19.91 -4.24 3.80
N TYR A 86 19.43 -5.48 3.68
CA TYR A 86 18.96 -5.99 2.40
C TYR A 86 17.44 -6.07 2.45
N ARG A 87 16.79 -5.60 1.40
CA ARG A 87 15.33 -5.65 1.32
C ARG A 87 14.92 -6.60 0.21
N PRO A 88 13.96 -7.50 0.50
CA PRO A 88 13.51 -8.46 -0.52
C PRO A 88 12.68 -7.76 -1.58
N VAL A 89 13.10 -7.88 -2.82
CA VAL A 89 12.41 -7.25 -3.95
C VAL A 89 12.16 -8.29 -5.04
N GLN A 90 10.89 -8.53 -5.31
CA GLN A 90 10.47 -9.51 -6.30
C GLN A 90 10.34 -8.91 -7.70
N ASP A 91 10.76 -9.67 -8.71
CA ASP A 91 10.65 -9.20 -10.09
C ASP A 91 9.42 -9.86 -10.71
N LEU A 92 8.32 -9.10 -10.77
CA LEU A 92 7.08 -9.62 -11.32
C LEU A 92 6.86 -9.32 -12.80
N ALA A 93 7.89 -8.85 -13.48
CA ALA A 93 7.78 -8.53 -14.90
C ALA A 93 7.01 -9.59 -15.70
N GLU A 94 7.42 -10.86 -15.57
CA GLU A 94 6.77 -11.96 -16.29
C GLU A 94 5.30 -12.18 -15.91
N VAL A 95 4.95 -11.84 -14.67
CA VAL A 95 3.57 -11.98 -14.20
C VAL A 95 2.73 -10.80 -14.68
N ASN A 96 3.26 -9.59 -14.51
CA ASN A 96 2.57 -8.37 -14.94
C ASN A 96 2.19 -8.48 -16.41
N LYS A 97 3.15 -8.99 -17.18
CA LYS A 97 3.03 -9.20 -18.62
C LYS A 97 1.83 -10.10 -18.97
N ARG A 98 1.52 -11.05 -18.10
CA ARG A 98 0.42 -11.98 -18.36
C ARG A 98 -0.92 -11.61 -17.72
N VAL A 99 -0.95 -10.53 -16.95
CA VAL A 99 -2.18 -10.11 -16.30
C VAL A 99 -2.95 -9.12 -17.15
N GLU A 100 -4.28 -9.17 -17.07
CA GLU A 100 -5.13 -8.28 -17.82
C GLU A 100 -4.93 -6.84 -17.35
N ASP A 101 -4.87 -5.91 -18.31
CA ASP A 101 -4.68 -4.50 -18.01
C ASP A 101 -5.92 -3.85 -17.45
N ILE A 102 -5.70 -2.82 -16.64
CA ILE A 102 -6.77 -2.04 -16.05
C ILE A 102 -6.49 -0.60 -16.44
N HIS A 103 -7.52 0.07 -16.96
CA HIS A 103 -7.37 1.45 -17.38
C HIS A 103 -7.51 2.38 -16.18
N PRO A 104 -6.38 2.91 -15.69
CA PRO A 104 -6.35 3.83 -14.54
C PRO A 104 -7.42 4.91 -14.59
N THR A 105 -8.33 4.87 -13.63
CA THR A 105 -9.40 5.88 -13.55
C THR A 105 -8.80 7.08 -12.81
N VAL A 106 -7.52 6.96 -12.49
CA VAL A 106 -6.78 8.00 -11.78
C VAL A 106 -6.73 9.31 -12.57
N PRO A 107 -7.20 10.41 -11.97
CA PRO A 107 -7.23 11.73 -12.60
C PRO A 107 -5.89 12.14 -13.20
N ASN A 108 -4.98 12.63 -12.35
CA ASN A 108 -3.65 13.06 -12.79
C ASN A 108 -2.95 13.77 -11.64
N PRO A 109 -1.63 13.52 -11.49
CA PRO A 109 -0.84 14.15 -10.42
C PRO A 109 -0.83 15.67 -10.44
N TYR A 110 -1.17 16.27 -11.58
CA TYR A 110 -1.19 17.72 -11.71
C TYR A 110 -2.60 18.28 -11.66
N ASN A 111 -3.39 17.96 -12.69
CA ASN A 111 -4.77 18.43 -12.77
C ASN A 111 -5.50 18.26 -11.44
N LEU A 112 -4.99 17.37 -10.61
CA LEU A 112 -5.59 17.11 -9.30
C LEU A 112 -5.57 18.36 -8.44
N LEU A 113 -4.37 18.77 -8.01
CA LEU A 113 -4.21 19.95 -7.17
C LEU A 113 -4.80 21.20 -7.80
N SER A 114 -4.62 21.34 -9.11
CA SER A 114 -5.12 22.50 -9.84
C SER A 114 -6.61 22.76 -9.58
N GLY A 115 -7.30 21.76 -9.05
CA GLY A 115 -8.72 21.92 -8.77
C GLY A 115 -8.96 22.59 -7.42
N LEU A 116 -7.97 22.51 -6.54
CA LEU A 116 -8.08 23.11 -5.20
C LEU A 116 -8.35 24.61 -5.25
N PRO A 117 -9.45 25.04 -4.63
CA PRO A 117 -9.82 26.46 -4.59
C PRO A 117 -9.00 27.22 -3.55
N PRO A 118 -8.69 28.50 -3.83
CA PRO A 118 -7.91 29.31 -2.90
C PRO A 118 -8.67 29.53 -1.58
N SER A 119 -9.97 29.22 -1.61
CA SER A 119 -10.81 29.37 -0.44
C SER A 119 -10.43 28.41 0.70
N HIS A 120 -9.79 27.29 0.34
CA HIS A 120 -9.37 26.31 1.33
C HIS A 120 -7.85 26.42 1.54
N GLN A 121 -7.47 27.19 2.55
CA GLN A 121 -6.07 27.46 2.88
C GLN A 121 -5.44 26.55 3.96
N TRP A 122 -6.25 25.75 4.64
CA TRP A 122 -5.71 24.87 5.67
C TRP A 122 -5.64 23.42 5.22
N TYR A 123 -4.45 22.85 5.29
CA TYR A 123 -4.22 21.49 4.84
C TYR A 123 -3.69 20.47 5.85
N THR A 124 -4.04 19.21 5.60
CA THR A 124 -3.59 18.07 6.39
C THR A 124 -3.20 17.06 5.32
N VAL A 125 -1.95 16.63 5.35
CA VAL A 125 -1.45 15.66 4.39
C VAL A 125 -1.15 14.36 5.12
N LEU A 126 -1.56 13.25 4.51
CA LEU A 126 -1.33 11.94 5.10
C LEU A 126 -0.93 10.93 4.04
N ASP A 127 0.03 10.06 4.37
CA ASP A 127 0.42 9.02 3.45
C ASP A 127 0.12 7.73 4.20
N LEU A 128 -0.58 6.81 3.55
CA LEU A 128 -0.93 5.54 4.18
C LEU A 128 0.25 4.56 4.11
N LYS A 129 0.56 3.96 5.25
CA LYS A 129 1.66 3.02 5.33
C LYS A 129 1.26 1.64 4.82
N ASP A 130 2.10 1.07 3.96
CA ASP A 130 1.86 -0.25 3.39
C ASP A 130 0.44 -0.40 2.86
N ALA A 131 0.02 0.58 2.08
CA ALA A 131 -1.32 0.59 1.52
C ALA A 131 -1.66 -0.71 0.79
N PHE A 132 -0.81 -1.11 -0.15
CA PHE A 132 -1.06 -2.32 -0.91
C PHE A 132 -1.37 -3.54 -0.05
N PHE A 133 -0.62 -3.71 1.05
CA PHE A 133 -0.85 -4.86 1.92
C PHE A 133 -2.18 -4.80 2.67
N CYS A 134 -2.87 -3.67 2.61
CA CYS A 134 -4.15 -3.58 3.27
C CYS A 134 -5.24 -4.29 2.46
N LEU A 135 -4.99 -4.50 1.17
CA LEU A 135 -5.95 -5.18 0.31
C LEU A 135 -5.58 -6.65 0.19
N ARG A 136 -6.54 -7.52 0.49
CA ARG A 136 -6.33 -8.96 0.41
C ARG A 136 -6.40 -9.52 -1.00
N LEU A 137 -5.74 -10.65 -1.19
CA LEU A 137 -5.74 -11.34 -2.48
C LEU A 137 -6.58 -12.60 -2.32
N HIS A 138 -7.50 -12.83 -3.25
CA HIS A 138 -8.36 -14.02 -3.21
C HIS A 138 -7.44 -15.23 -3.45
N PRO A 139 -7.63 -16.30 -2.66
CA PRO A 139 -6.81 -17.50 -2.81
C PRO A 139 -6.67 -18.07 -4.22
N THR A 140 -7.60 -17.74 -5.13
CA THR A 140 -7.50 -18.25 -6.50
C THR A 140 -6.42 -17.52 -7.29
N SER A 141 -6.15 -16.28 -6.91
CA SER A 141 -5.15 -15.47 -7.60
C SER A 141 -3.79 -15.47 -6.87
N GLN A 142 -3.79 -15.89 -5.61
CA GLN A 142 -2.57 -15.93 -4.84
C GLN A 142 -1.40 -16.68 -5.50
N PRO A 143 -1.66 -17.83 -6.12
CA PRO A 143 -0.59 -18.60 -6.78
C PRO A 143 0.25 -17.83 -7.82
N LEU A 144 -0.33 -16.78 -8.39
CA LEU A 144 0.35 -15.98 -9.41
C LEU A 144 1.67 -15.37 -8.98
N PHE A 145 1.71 -14.93 -7.72
CA PHE A 145 2.87 -14.23 -7.19
C PHE A 145 3.83 -15.08 -6.36
N ALA A 146 3.78 -16.39 -6.54
CA ALA A 146 4.65 -17.27 -5.76
C ALA A 146 6.14 -17.09 -6.07
N PHE A 147 6.97 -17.38 -5.07
CA PHE A 147 8.41 -17.29 -5.23
C PHE A 147 9.07 -18.31 -4.30
N GLU A 148 10.36 -18.56 -4.50
CA GLU A 148 11.09 -19.54 -3.71
C GLU A 148 11.76 -18.95 -2.48
N TRP A 149 11.73 -19.71 -1.39
CA TRP A 149 12.37 -19.30 -0.17
C TRP A 149 12.87 -20.53 0.57
N ARG A 150 14.15 -20.51 0.93
CA ARG A 150 14.73 -21.62 1.64
C ARG A 150 15.75 -21.15 2.67
N ASP A 151 15.78 -21.85 3.79
CA ASP A 151 16.71 -21.54 4.87
C ASP A 151 16.81 -22.76 5.76
N PRO A 152 17.89 -23.55 5.61
CA PRO A 152 18.17 -24.78 6.37
C PRO A 152 17.61 -24.78 7.79
N GLU A 153 18.40 -24.26 8.73
CA GLU A 153 17.98 -24.22 10.12
C GLU A 153 17.11 -23.00 10.41
N MET A 154 15.94 -22.97 9.77
CA MET A 154 14.99 -21.89 9.96
C MET A 154 13.61 -22.47 10.20
N GLY A 155 13.18 -23.38 9.31
CA GLY A 155 11.88 -24.00 9.47
C GLY A 155 11.19 -24.44 8.19
N ILE A 156 11.57 -23.89 7.05
CA ILE A 156 10.93 -24.26 5.78
C ILE A 156 11.82 -24.17 4.54
N SER A 157 11.37 -24.83 3.47
CA SER A 157 12.08 -24.85 2.20
C SER A 157 11.08 -25.16 1.09
N GLY A 158 10.74 -24.13 0.31
CA GLY A 158 9.80 -24.30 -0.78
C GLY A 158 9.29 -22.96 -1.28
N GLN A 159 8.03 -22.91 -1.69
CA GLN A 159 7.46 -21.67 -2.19
C GLN A 159 6.61 -20.92 -1.18
N LEU A 160 6.58 -19.60 -1.34
CA LEU A 160 5.77 -18.74 -0.51
C LEU A 160 5.03 -17.85 -1.49
N THR A 161 3.96 -17.20 -1.03
CA THR A 161 3.22 -16.29 -1.86
C THR A 161 2.47 -15.31 -0.99
N TRP A 162 1.91 -14.27 -1.61
CA TRP A 162 1.22 -13.24 -0.87
C TRP A 162 -0.29 -13.45 -0.72
N THR A 163 -0.83 -12.96 0.39
CA THR A 163 -2.27 -13.03 0.65
C THR A 163 -2.81 -11.60 0.54
N ARG A 164 -1.92 -10.66 0.23
CA ARG A 164 -2.27 -9.25 0.06
C ARG A 164 -1.71 -8.76 -1.27
N LEU A 165 -2.23 -7.63 -1.74
CA LEU A 165 -1.77 -7.04 -2.99
C LEU A 165 -0.28 -6.78 -2.80
N PRO A 166 0.57 -7.35 -3.67
CA PRO A 166 2.03 -7.17 -3.56
C PRO A 166 2.66 -5.97 -4.27
N GLN A 167 3.87 -5.63 -3.83
CA GLN A 167 4.65 -4.55 -4.43
C GLN A 167 5.18 -5.11 -5.76
N GLY A 168 5.37 -4.27 -6.76
CA GLY A 168 5.88 -4.76 -8.03
C GLY A 168 4.78 -5.22 -8.98
N PHE A 169 3.55 -5.31 -8.49
CA PHE A 169 2.43 -5.71 -9.34
C PHE A 169 1.91 -4.46 -10.05
N LYS A 170 1.93 -4.50 -11.37
CA LYS A 170 1.51 -3.36 -12.17
C LYS A 170 0.14 -2.76 -11.84
N ASN A 171 -0.79 -3.59 -11.35
CA ASN A 171 -2.13 -3.08 -11.03
C ASN A 171 -2.41 -2.62 -9.59
N SER A 172 -1.42 -2.74 -8.71
CA SER A 172 -1.63 -2.35 -7.32
C SER A 172 -2.02 -0.88 -7.14
N PRO A 173 -1.28 0.05 -7.78
CA PRO A 173 -1.62 1.48 -7.64
C PRO A 173 -3.09 1.76 -7.92
N THR A 174 -3.55 1.33 -9.08
CA THR A 174 -4.93 1.56 -9.48
C THR A 174 -5.91 0.84 -8.58
N LEU A 175 -5.69 -0.45 -8.35
CA LEU A 175 -6.57 -1.23 -7.50
C LEU A 175 -6.73 -0.59 -6.13
N PHE A 176 -5.62 -0.13 -5.54
CA PHE A 176 -5.72 0.51 -4.23
C PHE A 176 -6.44 1.84 -4.32
N ASP A 177 -6.16 2.61 -5.37
CA ASP A 177 -6.82 3.91 -5.52
C ASP A 177 -8.33 3.74 -5.64
N GLU A 178 -8.78 2.77 -6.43
CA GLU A 178 -10.22 2.55 -6.59
C GLU A 178 -10.85 2.12 -5.27
N ALA A 179 -10.19 1.21 -4.56
CA ALA A 179 -10.69 0.70 -3.28
C ALA A 179 -10.82 1.83 -2.27
N LEU A 180 -9.77 2.63 -2.12
CA LEU A 180 -9.78 3.74 -1.18
C LEU A 180 -10.84 4.76 -1.58
N HIS A 181 -11.05 4.90 -2.88
CA HIS A 181 -12.07 5.84 -3.38
C HIS A 181 -13.44 5.36 -2.94
N ARG A 182 -13.66 4.05 -2.99
CA ARG A 182 -14.95 3.52 -2.57
C ARG A 182 -15.14 3.69 -1.07
N ASP A 183 -14.10 3.40 -0.30
CA ASP A 183 -14.17 3.52 1.16
C ASP A 183 -14.32 4.94 1.69
N LEU A 184 -13.84 5.94 0.95
CA LEU A 184 -13.95 7.32 1.42
C LEU A 184 -15.08 8.14 0.79
N ALA A 185 -15.88 7.53 -0.08
CA ALA A 185 -16.97 8.24 -0.72
C ALA A 185 -17.90 8.92 0.29
N ASP A 186 -18.48 8.14 1.21
CA ASP A 186 -19.37 8.68 2.22
C ASP A 186 -18.75 9.88 2.93
N PHE A 187 -17.48 9.78 3.27
CA PHE A 187 -16.78 10.86 3.95
C PHE A 187 -16.97 12.18 3.20
N ARG A 188 -16.84 12.13 1.88
CA ARG A 188 -16.97 13.32 1.05
C ARG A 188 -18.38 13.91 1.14
N ILE A 189 -19.38 13.08 0.94
CA ILE A 189 -20.76 13.51 1.00
C ILE A 189 -21.12 14.08 2.37
N GLN A 190 -20.52 13.51 3.41
CA GLN A 190 -20.77 13.95 4.79
C GLN A 190 -20.02 15.21 5.15
N HIS A 191 -19.06 15.62 4.33
CA HIS A 191 -18.26 16.81 4.59
C HIS A 191 -18.07 17.68 3.35
N PRO A 192 -19.16 18.16 2.75
CA PRO A 192 -19.10 19.00 1.55
C PRO A 192 -18.32 20.32 1.69
N ASP A 193 -18.07 20.73 2.93
CA ASP A 193 -17.32 21.96 3.18
C ASP A 193 -15.82 21.69 3.21
N LEU A 194 -15.44 20.43 2.97
CA LEU A 194 -14.03 20.04 2.95
C LEU A 194 -13.68 19.49 1.57
N ILE A 195 -12.42 19.66 1.17
CA ILE A 195 -11.95 19.15 -0.11
C ILE A 195 -11.00 17.99 0.18
N LEU A 196 -11.25 16.84 -0.45
CA LEU A 196 -10.41 15.67 -0.24
C LEU A 196 -9.73 15.20 -1.50
N LEU A 197 -8.41 15.38 -1.56
CA LEU A 197 -7.63 14.93 -2.70
C LEU A 197 -6.99 13.60 -2.34
N GLN A 198 -7.10 12.63 -3.24
CA GLN A 198 -6.48 11.33 -2.98
C GLN A 198 -5.88 10.71 -4.24
N TYR A 199 -4.59 10.37 -4.15
CA TYR A 199 -3.88 9.74 -5.25
C TYR A 199 -3.16 8.51 -4.70
N VAL A 200 -3.76 7.35 -4.92
CA VAL A 200 -3.23 6.08 -4.43
C VAL A 200 -3.16 6.13 -2.90
N ASP A 201 -1.96 6.21 -2.33
CA ASP A 201 -1.84 6.22 -0.88
C ASP A 201 -1.45 7.57 -0.25
N ASP A 202 -1.55 8.66 -1.02
CA ASP A 202 -1.24 10.00 -0.50
C ASP A 202 -2.51 10.83 -0.38
N LEU A 203 -2.76 11.38 0.80
CA LEU A 203 -3.98 12.15 1.00
C LEU A 203 -3.79 13.62 1.40
N LEU A 204 -4.74 14.44 0.96
CA LEU A 204 -4.73 15.87 1.28
C LEU A 204 -6.13 16.34 1.64
N LEU A 205 -6.28 16.90 2.83
CA LEU A 205 -7.57 17.41 3.26
C LEU A 205 -7.47 18.92 3.34
N ALA A 206 -8.43 19.62 2.75
CA ALA A 206 -8.41 21.08 2.78
C ALA A 206 -9.67 21.64 3.40
N ALA A 207 -9.51 22.59 4.31
CA ALA A 207 -10.63 23.24 4.99
C ALA A 207 -10.59 24.75 4.79
N THR A 208 -11.71 25.41 5.10
CA THR A 208 -11.81 26.86 4.94
C THR A 208 -11.29 27.61 6.15
N SER A 209 -10.72 26.89 7.11
CA SER A 209 -10.18 27.51 8.31
C SER A 209 -9.51 26.45 9.17
N GLU A 210 -8.67 26.89 10.10
CA GLU A 210 -7.97 25.98 10.99
C GLU A 210 -8.92 25.13 11.83
N LEU A 211 -10.07 25.68 12.20
CA LEU A 211 -11.00 24.93 13.01
C LEU A 211 -11.61 23.77 12.23
N ASP A 212 -12.06 24.03 11.01
CA ASP A 212 -12.66 22.99 10.19
C ASP A 212 -11.62 21.94 9.81
N CYS A 213 -10.38 22.38 9.62
CA CYS A 213 -9.33 21.45 9.27
C CYS A 213 -9.11 20.53 10.48
N GLN A 214 -9.16 21.11 11.67
CA GLN A 214 -8.99 20.34 12.90
C GLN A 214 -10.06 19.29 13.07
N GLN A 215 -11.32 19.69 12.89
CA GLN A 215 -12.44 18.76 13.02
C GLN A 215 -12.51 17.81 11.83
N GLY A 216 -12.15 18.30 10.66
CA GLY A 216 -12.16 17.46 9.47
C GLY A 216 -11.10 16.38 9.55
N THR A 217 -9.94 16.73 10.07
CA THR A 217 -8.85 15.76 10.20
C THR A 217 -9.24 14.67 11.20
N ARG A 218 -9.84 15.06 12.32
CA ARG A 218 -10.27 14.10 13.33
C ARG A 218 -11.25 13.11 12.72
N ALA A 219 -12.22 13.63 11.95
CA ALA A 219 -13.20 12.77 11.32
C ALA A 219 -12.53 11.85 10.29
N LEU A 220 -11.57 12.38 9.54
CA LEU A 220 -10.86 11.57 8.54
C LEU A 220 -10.12 10.41 9.21
N LEU A 221 -9.28 10.74 10.20
CA LEU A 221 -8.53 9.71 10.93
C LEU A 221 -9.48 8.69 11.53
N GLN A 222 -10.58 9.18 12.13
CA GLN A 222 -11.55 8.28 12.72
C GLN A 222 -12.02 7.30 11.65
N THR A 223 -12.37 7.84 10.48
CA THR A 223 -12.84 7.04 9.36
C THR A 223 -11.78 6.06 8.84
N LEU A 224 -10.52 6.50 8.76
CA LEU A 224 -9.46 5.62 8.28
C LEU A 224 -9.23 4.46 9.25
N GLY A 225 -9.29 4.75 10.54
CA GLY A 225 -9.11 3.73 11.56
C GLY A 225 -10.22 2.68 11.49
N ASN A 226 -11.47 3.12 11.44
CA ASN A 226 -12.60 2.21 11.36
C ASN A 226 -12.42 1.28 10.16
N LEU A 227 -12.02 1.87 9.02
CA LEU A 227 -11.85 1.16 7.77
C LEU A 227 -10.66 0.20 7.73
N GLY A 228 -9.69 0.38 8.62
CA GLY A 228 -8.54 -0.49 8.67
C GLY A 228 -7.27 0.03 8.02
N TYR A 229 -7.28 1.28 7.59
CA TYR A 229 -6.09 1.85 6.98
C TYR A 229 -5.18 2.39 8.07
N ARG A 230 -3.96 2.78 7.71
CA ARG A 230 -3.02 3.29 8.69
C ARG A 230 -2.14 4.34 8.05
N ALA A 231 -2.15 5.55 8.60
CA ALA A 231 -1.33 6.62 8.07
C ALA A 231 -0.04 6.71 8.86
N SER A 232 0.93 7.42 8.29
CA SER A 232 2.23 7.61 8.92
C SER A 232 2.19 8.79 9.89
N ALA A 233 2.18 8.49 11.18
CA ALA A 233 2.14 9.52 12.19
C ALA A 233 3.42 10.34 12.12
N LYS A 234 4.52 9.66 11.80
CA LYS A 234 5.81 10.30 11.70
C LYS A 234 5.90 11.37 10.60
N LYS A 235 5.29 11.10 9.46
CA LYS A 235 5.34 12.02 8.33
C LYS A 235 4.12 12.91 8.19
N ALA A 236 3.14 12.73 9.08
CA ALA A 236 1.91 13.51 9.02
C ALA A 236 2.12 15.01 9.14
N GLN A 237 1.36 15.77 8.36
CA GLN A 237 1.39 17.23 8.37
C GLN A 237 -0.05 17.61 8.72
N ILE A 238 -0.28 17.90 10.00
CA ILE A 238 -1.63 18.22 10.48
C ILE A 238 -2.03 19.70 10.58
N CYS A 239 -3.14 20.02 9.92
CA CYS A 239 -3.67 21.38 9.90
C CYS A 239 -2.60 22.45 9.75
N GLN A 240 -1.92 22.45 8.60
CA GLN A 240 -0.88 23.44 8.32
C GLN A 240 -1.32 24.29 7.13
N LYS A 241 -0.83 25.52 7.05
CA LYS A 241 -1.18 26.41 5.94
C LYS A 241 -0.19 26.22 4.80
N GLN A 242 0.89 25.51 5.08
CA GLN A 242 1.92 25.22 4.10
C GLN A 242 2.32 23.74 4.22
N VAL A 243 2.11 22.98 3.14
CA VAL A 243 2.43 21.55 3.13
C VAL A 243 2.93 21.07 1.77
N LYS A 244 3.66 19.96 1.79
CA LYS A 244 4.16 19.37 0.56
C LYS A 244 3.27 18.16 0.27
N TYR A 245 2.72 18.11 -0.93
CA TYR A 245 1.84 17.00 -1.34
C TYR A 245 2.21 16.55 -2.74
N LEU A 246 2.60 15.28 -2.85
CA LEU A 246 2.97 14.70 -4.14
C LEU A 246 4.15 15.41 -4.78
N GLY A 247 5.06 15.91 -3.94
CA GLY A 247 6.23 16.61 -4.44
C GLY A 247 6.04 18.12 -4.56
N TYR A 248 4.80 18.54 -4.76
CA TYR A 248 4.47 19.96 -4.88
C TYR A 248 4.45 20.64 -3.51
N LEU A 249 4.78 21.93 -3.50
CA LEU A 249 4.79 22.71 -2.27
C LEU A 249 3.63 23.70 -2.29
N LEU A 250 2.75 23.61 -1.29
CA LEU A 250 1.59 24.49 -1.22
C LEU A 250 1.72 25.60 -0.18
N LYS A 251 1.19 26.77 -0.53
CA LYS A 251 1.20 27.94 0.34
C LYS A 251 -0.06 28.78 0.12
#